data_5QQA
#
_entry.id   5QQA
#
_cell.length_a   57.809
_cell.length_b   57.809
_cell.length_c   396.974
_cell.angle_alpha   90.000
_cell.angle_beta   90.000
_cell.angle_gamma   120.000
#
_symmetry.space_group_name_H-M   'P 61 2 2'
#
loop_
_entity.id
_entity.type
_entity.pdbx_description
1 polymer 'Farnesyl diphosphate synthase'
2 non-polymer 'SULFATE ION'
3 non-polymer 'ACETATE ION'
4 non-polymer 'ZINC ION'
5 non-polymer "ethyl (6~{R})-3-oxidanylidenespiro[1,2,5,6-tetrahydropyrazolo[1,2-a]pyrazole-7,1'-cyclopentane]-6-carboxylate"
6 water water
#
_entity_poly.entity_id   1
_entity_poly.type   'polypeptide(L)'
_entity_poly.pdbx_seq_one_letter_code
;GPMASMERFLSVYDEVQAFLLDQLQSKYEIDPNRARYLRIMMDTTCLGGKYFRGMTVVNVAEGFLAVTQHDEATKERILH
DACVGGWMIEFLQAHYLVEDDIMDGSVMRRGKPCWYRFPGVTTQCAINDGIILKSWTQIMAWHYFADRPFLKDLLCLFQK
VDYATAVGQMYDVTSMCDSNKLDPEVAQPMTTDFAEFTPAIYKRIVKYKTTFYTYLLPLVMGLLVSEAAASVEMNLVERV
AHLIGEYFQVQDDVMDCFTPPEQLGKVGTDIEDAKCSWLAVTFLGKANAAQVAEFKANYGEKDPAKVAVVKRLYSKANLQ
ADFAAYEAEVVREVESLIEQLKVKSPTFAESVAVVWEKTHKRKK
;
_entity_poly.pdbx_strand_id   A
#
loop_
_chem_comp.id
_chem_comp.type
_chem_comp.name
_chem_comp.formula
ACT non-polymer 'ACETATE ION' 'C2 H3 O2 -1'
LZV non-polymer 'ethyl (6~{R})-3-oxidanylidenespiro[1,2,5,6-tetrahydropyrazolo[1,2-a]pyrazole-7,1'-cyclopentane]-6-carboxylate' 'C13 H20 N2 O3'
SO4 non-polymer 'SULFATE ION' 'O4 S -2'
ZN non-polymer 'ZINC ION' 'Zn 2'
#
# COMPACT_ATOMS: atom_id res chain seq x y z
N MET A 3 8.13 -25.64 -9.29
CA MET A 3 7.23 -24.95 -8.29
C MET A 3 6.84 -23.55 -8.76
N ALA A 4 5.54 -23.35 -9.06
CA ALA A 4 4.96 -22.00 -9.27
C ALA A 4 5.29 -21.11 -8.09
N SER A 5 5.48 -19.83 -8.41
CA SER A 5 5.91 -18.84 -7.46
C SER A 5 4.90 -18.66 -6.35
N MET A 6 3.63 -18.48 -6.72
CA MET A 6 2.55 -18.35 -5.73
C MET A 6 2.53 -19.51 -4.76
N GLU A 7 2.71 -20.73 -5.27
CA GLU A 7 2.57 -21.91 -4.44
C GLU A 7 3.78 -21.95 -3.52
N ARG A 8 4.91 -21.41 -3.97
CA ARG A 8 6.05 -21.28 -3.05
C ARG A 8 5.75 -20.27 -1.94
N PHE A 9 5.23 -19.13 -2.35
CA PHE A 9 4.94 -18.00 -1.44
C PHE A 9 4.01 -18.42 -0.32
N LEU A 10 2.88 -18.99 -0.72
CA LEU A 10 1.91 -19.52 0.18
C LEU A 10 2.44 -20.62 1.08
N SER A 11 3.28 -21.53 0.54
CA SER A 11 3.91 -22.55 1.43
C SER A 11 4.70 -21.88 2.52
N VAL A 12 5.44 -20.85 2.16
CA VAL A 12 6.30 -20.13 3.14
C VAL A 12 5.44 -19.41 4.20
N TYR A 13 4.22 -18.97 3.84
CA TYR A 13 3.27 -18.45 4.83
C TYR A 13 3.04 -19.47 5.95
N ASP A 14 2.83 -20.72 5.56
CA ASP A 14 2.56 -21.76 6.54
C ASP A 14 3.76 -21.99 7.47
N GLU A 15 4.94 -21.93 6.86
CA GLU A 15 6.16 -22.19 7.54
C GLU A 15 6.42 -21.01 8.46
N VAL A 16 6.19 -19.80 7.95
CA VAL A 16 6.41 -18.61 8.82
C VAL A 16 5.42 -18.60 9.96
N GLN A 17 4.17 -18.92 9.67
CA GLN A 17 3.13 -18.94 10.74
C GLN A 17 3.50 -19.93 11.82
N ALA A 18 3.88 -21.14 11.39
CA ALA A 18 4.23 -22.19 12.34
C ALA A 18 5.42 -21.76 13.18
N PHE A 19 6.45 -21.19 12.55
CA PHE A 19 7.57 -20.66 13.33
C PHE A 19 7.14 -19.63 14.42
N LEU A 20 6.39 -18.61 14.02
CA LEU A 20 5.97 -17.56 14.96
C LEU A 20 5.16 -18.16 16.14
N LEU A 21 4.18 -19.01 15.84
CA LEU A 21 3.34 -19.57 16.93
C LEU A 21 4.09 -20.54 17.83
N ASP A 22 5.04 -21.30 17.27
CA ASP A 22 5.79 -22.28 18.07
C ASP A 22 6.77 -21.58 18.97
N GLN A 23 7.38 -20.51 18.46
CA GLN A 23 8.20 -19.62 19.29
C GLN A 23 7.39 -18.94 20.39
N LEU A 24 6.11 -18.61 20.14
CA LEU A 24 5.29 -18.03 21.18
C LEU A 24 5.11 -19.00 22.35
N GLN A 25 4.89 -20.27 22.03
CA GLN A 25 4.77 -21.33 23.02
C GLN A 25 6.07 -21.63 23.74
N SER A 26 7.19 -21.76 23.03
CA SER A 26 8.45 -22.12 23.69
C SER A 26 9.14 -20.97 24.40
N LYS A 27 8.90 -19.74 23.98
CA LYS A 27 9.63 -18.63 24.59
C LYS A 27 8.79 -17.55 25.21
N TYR A 28 7.55 -17.39 24.79
CA TYR A 28 6.72 -16.31 25.27
C TYR A 28 5.57 -16.84 26.13
N GLU A 29 5.61 -18.14 26.47
CA GLU A 29 4.73 -18.74 27.49
C GLU A 29 3.28 -18.72 27.11
N ILE A 30 3.00 -18.79 25.82
CA ILE A 30 1.62 -18.68 25.38
C ILE A 30 0.90 -19.99 25.59
N ASP A 31 -0.41 -19.86 25.77
CA ASP A 31 -1.32 -20.98 25.92
C ASP A 31 -2.01 -21.25 24.58
N PRO A 32 -2.55 -22.47 24.40
CA PRO A 32 -3.12 -22.85 23.10
C PRO A 32 -4.25 -21.97 22.57
N ASN A 33 -5.05 -21.37 23.44
CA ASN A 33 -6.19 -20.60 22.98
C ASN A 33 -5.74 -19.24 22.48
N ARG A 34 -4.77 -18.66 23.17
CA ARG A 34 -4.19 -17.42 22.68
C ARG A 34 -3.39 -17.60 21.40
N ALA A 35 -2.72 -18.75 21.27
CA ALA A 35 -2.08 -19.11 20.00
C ALA A 35 -3.09 -19.25 18.87
N ARG A 36 -4.23 -19.88 19.14
CA ARG A 36 -5.28 -19.98 18.11
C ARG A 36 -5.84 -18.58 17.73
N TYR A 37 -6.10 -17.76 18.75
CA TYR A 37 -6.55 -16.38 18.51
C TYR A 37 -5.60 -15.68 17.56
N LEU A 38 -4.31 -15.75 17.84
CA LEU A 38 -3.32 -15.02 17.03
C LEU A 38 -3.21 -15.61 15.65
N ARG A 39 -3.43 -16.92 15.55
CA ARG A 39 -3.42 -17.61 14.28
C ARG A 39 -4.54 -17.17 13.41
N ILE A 40 -5.74 -17.08 13.98
CA ILE A 40 -6.90 -16.67 13.24
C ILE A 40 -6.71 -15.18 12.83
N MET A 41 -6.10 -14.39 13.71
CA MET A 41 -5.86 -12.98 13.45
C MET A 41 -4.91 -12.85 12.25
N MET A 42 -3.83 -13.63 12.27
CA MET A 42 -2.85 -13.58 11.18
C MET A 42 -3.56 -13.95 9.88
N ASP A 43 -4.26 -15.06 9.83
CA ASP A 43 -4.94 -15.47 8.60
C ASP A 43 -5.95 -14.47 8.13
N THR A 44 -6.74 -13.94 9.07
CA THR A 44 -7.83 -13.06 8.70
C THR A 44 -7.24 -11.77 8.20
N THR A 45 -6.14 -11.29 8.78
CA THR A 45 -5.56 -10.00 8.39
C THR A 45 -4.48 -10.02 7.32
N CYS A 46 -3.81 -11.15 7.11
CA CYS A 46 -2.73 -11.22 6.08
C CYS A 46 -3.10 -11.90 4.77
N LEU A 47 -4.19 -12.69 4.79
CA LEU A 47 -4.55 -13.53 3.67
C LEU A 47 -5.77 -13.03 2.99
N GLY A 48 -5.94 -13.42 1.73
CA GLY A 48 -7.18 -13.09 1.03
C GLY A 48 -7.05 -12.07 -0.06
N GLY A 49 -5.96 -11.31 -0.08
CA GLY A 49 -5.70 -10.40 -1.18
C GLY A 49 -4.99 -11.07 -2.34
N LYS A 50 -4.49 -10.25 -3.25
CA LYS A 50 -3.73 -10.74 -4.42
C LYS A 50 -2.25 -11.05 -4.14
N TYR A 51 -1.72 -10.51 -3.04
CA TYR A 51 -0.31 -10.63 -2.69
C TYR A 51 0.60 -9.96 -3.73
N PHE A 52 0.12 -8.88 -4.32
CA PHE A 52 0.87 -8.20 -5.32
C PHE A 52 2.23 -7.75 -4.80
N ARG A 53 2.26 -7.21 -3.59
CA ARG A 53 3.49 -6.68 -2.99
C ARG A 53 4.50 -7.81 -2.70
N GLY A 54 4.04 -8.87 -2.07
CA GLY A 54 4.94 -9.95 -1.68
C GLY A 54 5.44 -10.65 -2.92
N MET A 55 4.53 -10.90 -3.86
CA MET A 55 4.92 -11.59 -5.09
C MET A 55 5.89 -10.77 -5.94
N THR A 56 5.84 -9.45 -5.83
CA THR A 56 6.82 -8.62 -6.52
C THR A 56 8.26 -8.95 -6.07
N VAL A 57 8.48 -9.12 -4.78
CA VAL A 57 9.81 -9.51 -4.32
C VAL A 57 10.22 -10.87 -4.93
N VAL A 58 9.30 -11.81 -4.96
CA VAL A 58 9.56 -13.09 -5.55
C VAL A 58 9.89 -12.95 -7.07
N ASN A 59 9.07 -12.14 -7.79
CA ASN A 59 9.26 -11.96 -9.22
C ASN A 59 10.57 -11.26 -9.59
N VAL A 60 10.94 -10.23 -8.86
CA VAL A 60 12.21 -9.61 -9.13
C VAL A 60 13.33 -10.63 -8.87
N ALA A 61 13.23 -11.42 -7.78
CA ALA A 61 14.29 -12.39 -7.48
C ALA A 61 14.44 -13.45 -8.59
N GLU A 62 13.32 -13.97 -9.04
CA GLU A 62 13.24 -14.93 -10.16
C GLU A 62 13.81 -14.40 -11.43
N GLY A 63 13.53 -13.12 -11.71
CA GLY A 63 14.15 -12.41 -12.82
C GLY A 63 15.65 -12.56 -12.78
N PHE A 64 16.27 -12.22 -11.66
CA PHE A 64 17.72 -12.30 -11.55
C PHE A 64 18.24 -13.72 -11.54
N LEU A 65 17.45 -14.67 -11.04
CA LEU A 65 17.83 -16.08 -11.09
C LEU A 65 18.11 -16.57 -12.49
N ALA A 66 17.30 -16.11 -13.43
CA ALA A 66 17.32 -16.58 -14.82
C ALA A 66 18.57 -16.11 -15.53
N VAL A 67 19.20 -15.05 -15.03
CA VAL A 67 20.41 -14.51 -15.68
C VAL A 67 21.67 -14.53 -14.79
N THR A 68 21.66 -15.30 -13.70
CA THR A 68 22.81 -15.32 -12.78
C THR A 68 23.12 -16.74 -12.44
N GLN A 69 24.40 -17.06 -12.45
CA GLN A 69 24.84 -18.42 -12.11
C GLN A 69 24.83 -18.69 -10.58
N HIS A 70 24.18 -19.79 -10.20
CA HIS A 70 24.04 -20.17 -8.80
C HIS A 70 23.93 -21.72 -8.70
N ASP A 71 24.39 -22.32 -7.59
CA ASP A 71 24.00 -23.69 -7.23
C ASP A 71 22.50 -23.77 -7.01
N GLU A 72 21.91 -24.92 -7.26
CA GLU A 72 20.49 -25.15 -6.96
C GLU A 72 20.05 -24.75 -5.54
N ALA A 73 20.84 -25.09 -4.54
CA ALA A 73 20.54 -24.74 -3.17
C ALA A 73 20.57 -23.22 -2.96
N THR A 74 21.40 -22.54 -3.72
CA THR A 74 21.39 -21.07 -3.68
C THR A 74 20.13 -20.48 -4.35
N LYS A 75 19.69 -21.04 -5.46
CA LYS A 75 18.41 -20.63 -6.02
C LYS A 75 17.31 -20.79 -5.00
N GLU A 76 17.31 -21.91 -4.31
CA GLU A 76 16.29 -22.22 -3.33
C GLU A 76 16.35 -21.23 -2.22
N ARG A 77 17.56 -20.96 -1.74
CA ARG A 77 17.74 -20.03 -0.61
C ARG A 77 17.21 -18.60 -0.91
N ILE A 78 17.58 -18.10 -2.08
CA ILE A 78 17.21 -16.79 -2.60
C ILE A 78 15.68 -16.70 -2.75
N LEU A 79 15.06 -17.78 -3.25
CA LEU A 79 13.59 -17.77 -3.38
C LEU A 79 12.93 -17.81 -2.02
N HIS A 80 13.50 -18.56 -1.09
CA HIS A 80 12.93 -18.60 0.24
C HIS A 80 13.11 -17.22 0.91
N ASP A 81 14.25 -16.57 0.71
CA ASP A 81 14.39 -15.19 1.19
C ASP A 81 13.37 -14.22 0.52
N ALA A 82 13.19 -14.34 -0.80
CA ALA A 82 12.22 -13.51 -1.49
C ALA A 82 10.80 -13.67 -0.88
N CYS A 83 10.45 -14.90 -0.53
CA CYS A 83 9.16 -15.20 0.07
C CYS A 83 9.08 -14.62 1.46
N VAL A 84 10.13 -14.79 2.23
CA VAL A 84 10.11 -14.25 3.56
C VAL A 84 10.00 -12.70 3.55
N GLY A 85 10.76 -12.05 2.68
CA GLY A 85 10.75 -10.62 2.60
C GLY A 85 9.40 -10.12 2.08
N GLY A 86 8.89 -10.82 1.07
CA GLY A 86 7.52 -10.66 0.62
C GLY A 86 6.50 -10.64 1.76
N TRP A 87 6.58 -11.63 2.63
CA TRP A 87 5.63 -11.75 3.74
C TRP A 87 5.81 -10.61 4.75
N MET A 88 7.03 -10.13 4.92
CA MET A 88 7.25 -9.00 5.77
C MET A 88 6.42 -7.80 5.28
N ILE A 89 6.37 -7.61 3.96
CA ILE A 89 5.69 -6.48 3.40
C ILE A 89 4.18 -6.70 3.52
N GLU A 90 3.69 -7.92 3.29
CA GLU A 90 2.25 -8.19 3.38
C GLU A 90 1.72 -7.94 4.77
N PHE A 91 2.45 -8.43 5.75
CA PHE A 91 2.14 -8.25 7.15
C PHE A 91 2.29 -6.79 7.56
N LEU A 92 3.26 -6.06 7.00
CA LEU A 92 3.34 -4.62 7.23
C LEU A 92 2.12 -3.94 6.68
N GLN A 93 1.65 -4.36 5.50
CA GLN A 93 0.38 -3.82 5.02
C GLN A 93 -0.76 -4.14 5.99
N ALA A 94 -0.82 -5.40 6.47
CA ALA A 94 -1.89 -5.84 7.35
C ALA A 94 -1.97 -4.98 8.61
N HIS A 95 -0.81 -4.70 9.20
CA HIS A 95 -0.66 -3.71 10.29
C HIS A 95 -1.36 -2.43 9.91
N TYR A 96 -0.97 -1.87 8.77
CA TYR A 96 -1.54 -0.60 8.38
C TYR A 96 -3.01 -0.66 8.08
N LEU A 97 -3.50 -1.78 7.52
CA LEU A 97 -4.92 -1.89 7.20
C LEU A 97 -5.81 -2.00 8.43
N VAL A 98 -5.34 -2.82 9.37
CA VAL A 98 -5.96 -2.96 10.67
C VAL A 98 -6.05 -1.64 11.39
N GLU A 99 -4.94 -0.94 11.53
CA GLU A 99 -4.96 0.31 12.29
C GLU A 99 -5.80 1.40 11.59
N ASP A 100 -5.68 1.48 10.27
CA ASP A 100 -6.38 2.47 9.46
C ASP A 100 -7.89 2.29 9.49
N ASP A 101 -8.34 1.04 9.42
CA ASP A 101 -9.76 0.72 9.50
C ASP A 101 -10.33 1.17 10.83
N ILE A 102 -9.57 1.05 11.93
CA ILE A 102 -9.98 1.57 13.28
C ILE A 102 -10.00 3.08 13.33
N MET A 103 -8.91 3.69 12.86
CA MET A 103 -8.81 5.12 12.74
C MET A 103 -9.99 5.77 12.00
N ASP A 104 -10.42 5.15 10.90
CA ASP A 104 -11.40 5.72 10.01
C ASP A 104 -12.81 5.22 10.34
N GLY A 105 -12.95 4.28 11.24
CA GLY A 105 -14.24 3.73 11.51
C GLY A 105 -14.82 3.02 10.31
N SER A 106 -13.97 2.34 9.55
CA SER A 106 -14.46 1.57 8.43
C SER A 106 -15.23 0.34 8.85
N VAL A 107 -16.04 -0.14 7.90
CA VAL A 107 -16.99 -1.21 8.14
C VAL A 107 -16.48 -2.49 7.51
N MET A 108 -16.05 -2.43 6.24
CA MET A 108 -15.66 -3.61 5.47
C MET A 108 -14.31 -3.49 4.78
N ARG A 109 -13.62 -4.60 4.61
CA ARG A 109 -12.61 -4.74 3.51
C ARG A 109 -12.51 -6.17 2.98
N ARG A 110 -12.37 -6.28 1.65
CA ARG A 110 -12.49 -7.53 0.89
C ARG A 110 -13.83 -8.24 1.18
N GLY A 111 -14.92 -7.46 1.17
CA GLY A 111 -16.27 -7.95 1.42
C GLY A 111 -16.51 -8.68 2.74
N LYS A 112 -15.61 -8.45 3.72
CA LYS A 112 -15.70 -9.01 5.08
C LYS A 112 -15.49 -7.87 6.08
N PRO A 113 -15.92 -8.07 7.33
CA PRO A 113 -15.86 -7.00 8.27
C PRO A 113 -14.43 -6.63 8.61
N CYS A 114 -14.17 -5.36 8.87
CA CYS A 114 -12.88 -4.99 9.44
C CYS A 114 -12.57 -5.81 10.71
N TRP A 115 -11.30 -6.09 10.92
CA TRP A 115 -10.85 -6.93 12.03
C TRP A 115 -11.36 -6.43 13.39
N TYR A 116 -11.23 -5.14 13.65
CA TYR A 116 -11.73 -4.64 14.89
C TYR A 116 -13.19 -4.91 15.18
N ARG A 117 -14.00 -5.08 14.13
CA ARG A 117 -15.46 -5.31 14.24
C ARG A 117 -15.87 -6.78 14.45
N PHE A 118 -14.97 -7.73 14.28
CA PHE A 118 -15.24 -9.15 14.68
C PHE A 118 -15.71 -9.20 16.18
N PRO A 119 -16.72 -10.02 16.51
CA PRO A 119 -17.30 -9.87 17.88
C PRO A 119 -16.38 -10.13 19.07
N GLY A 120 -15.46 -11.08 18.89
CA GLY A 120 -14.47 -11.46 19.89
C GLY A 120 -13.16 -10.68 19.92
N VAL A 121 -13.04 -9.70 19.01
CA VAL A 121 -11.84 -8.87 18.92
C VAL A 121 -12.08 -7.57 19.66
N THR A 122 -12.82 -6.66 19.04
CA THR A 122 -13.01 -5.32 19.57
C THR A 122 -11.76 -4.47 19.37
N THR A 123 -11.96 -3.15 19.42
CA THR A 123 -10.89 -2.18 19.21
C THR A 123 -9.74 -2.30 20.23
N GLN A 124 -10.08 -2.61 21.49
CA GLN A 124 -9.09 -2.77 22.55
C GLN A 124 -8.05 -3.81 22.19
N CYS A 125 -8.49 -4.93 21.63
CA CYS A 125 -7.59 -5.96 21.16
C CYS A 125 -7.01 -5.69 19.76
N ALA A 126 -7.82 -5.19 18.82
CA ALA A 126 -7.36 -4.97 17.46
C ALA A 126 -6.22 -3.98 17.31
N ILE A 127 -6.22 -2.89 18.06
CA ILE A 127 -5.12 -1.92 18.00
C ILE A 127 -3.80 -2.64 18.35
N ASN A 128 -3.83 -3.50 19.37
CA ASN A 128 -2.63 -4.21 19.80
C ASN A 128 -2.35 -5.38 18.80
N ASP A 129 -3.40 -6.02 18.30
CA ASP A 129 -3.20 -7.00 17.20
C ASP A 129 -2.42 -6.37 16.04
N GLY A 130 -2.78 -5.16 15.61
CA GLY A 130 -2.05 -4.50 14.54
C GLY A 130 -0.59 -4.25 14.91
N ILE A 131 -0.31 -3.91 16.18
CA ILE A 131 1.04 -3.73 16.70
C ILE A 131 1.87 -5.04 16.50
N ILE A 132 1.24 -6.16 16.81
CA ILE A 132 1.88 -7.45 16.77
C ILE A 132 2.22 -7.78 15.33
N LEU A 133 1.28 -7.58 14.42
CA LEU A 133 1.54 -7.80 12.99
C LEU A 133 2.86 -7.16 12.52
N LYS A 134 3.07 -5.91 12.91
CA LYS A 134 4.33 -5.27 12.48
C LYS A 134 5.52 -5.82 13.28
N SER A 135 5.35 -6.12 14.57
CA SER A 135 6.42 -6.78 15.30
C SER A 135 6.83 -8.11 14.63
N TRP A 136 5.87 -8.87 14.18
CA TRP A 136 6.20 -10.11 13.47
C TRP A 136 7.13 -9.91 12.26
N THR A 137 7.05 -8.74 11.60
CA THR A 137 7.92 -8.48 10.46
C THR A 137 9.40 -8.50 10.91
N GLN A 138 9.65 -7.90 12.07
CA GLN A 138 11.00 -7.85 12.61
C GLN A 138 11.39 -9.21 13.16
N ILE A 139 10.45 -9.97 13.71
CA ILE A 139 10.79 -11.31 14.24
C ILE A 139 11.20 -12.20 13.07
N MET A 140 10.41 -12.16 12.00
CA MET A 140 10.75 -12.86 10.76
C MET A 140 12.15 -12.52 10.27
N ALA A 141 12.40 -11.21 10.14
CA ALA A 141 13.64 -10.73 9.56
C ALA A 141 14.85 -11.19 10.39
N TRP A 142 14.78 -11.09 11.71
CA TRP A 142 15.99 -11.46 12.51
C TRP A 142 16.19 -12.96 12.52
N HIS A 143 15.10 -13.74 12.46
CA HIS A 143 15.24 -15.18 12.46
C HIS A 143 15.82 -15.71 11.14
N TYR A 144 15.18 -15.34 10.04
CA TYR A 144 15.48 -15.95 8.75
C TYR A 144 16.66 -15.32 8.09
N PHE A 145 16.90 -14.03 8.36
CA PHE A 145 18.00 -13.31 7.73
C PHE A 145 19.21 -13.03 8.61
N ALA A 146 19.33 -13.71 9.74
CA ALA A 146 20.39 -13.43 10.75
C ALA A 146 21.81 -13.38 10.20
N ASP A 147 22.11 -14.26 9.26
CA ASP A 147 23.46 -14.32 8.73
C ASP A 147 23.60 -13.67 7.32
N ARG A 148 22.53 -13.07 6.81
CA ARG A 148 22.51 -12.59 5.45
C ARG A 148 23.28 -11.30 5.33
N PRO A 149 24.08 -11.18 4.25
CA PRO A 149 24.89 -9.98 4.08
C PRO A 149 23.97 -8.78 3.88
N PHE A 150 22.78 -8.99 3.34
CA PHE A 150 21.82 -7.90 3.16
C PHE A 150 20.99 -7.47 4.38
N LEU A 151 21.23 -8.08 5.55
CA LEU A 151 20.36 -7.89 6.71
C LEU A 151 20.21 -6.44 7.09
N LYS A 152 21.32 -5.73 7.26
CA LYS A 152 21.23 -4.31 7.69
C LYS A 152 20.60 -3.40 6.65
N ASP A 153 20.95 -3.57 5.39
CA ASP A 153 20.35 -2.75 4.36
C ASP A 153 18.87 -3.06 4.33
N LEU A 154 18.49 -4.35 4.40
CA LEU A 154 17.11 -4.72 4.43
C LEU A 154 16.37 -4.10 5.63
N LEU A 155 16.90 -4.23 6.84
CA LEU A 155 16.23 -3.71 8.02
C LEU A 155 16.11 -2.18 7.97
N CYS A 156 17.10 -1.52 7.40
CA CYS A 156 17.17 -0.08 7.41
C CYS A 156 16.20 0.49 6.39
N LEU A 157 16.12 -0.17 5.24
CA LEU A 157 15.14 0.16 4.25
C LEU A 157 13.69 0.01 4.76
N PHE A 158 13.44 -1.13 5.38
CA PHE A 158 12.10 -1.47 5.87
C PHE A 158 11.64 -0.45 6.87
N GLN A 159 12.56 -0.07 7.73
N GLN A 159 12.50 -0.01 7.79
CA GLN A 159 12.42 0.93 8.78
CA GLN A 159 12.07 1.00 8.77
C GLN A 159 12.00 2.31 8.27
C GLN A 159 11.74 2.31 8.08
N LYS A 160 12.64 2.75 7.18
CA LYS A 160 12.36 4.06 6.58
C LYS A 160 11.05 4.07 5.78
N VAL A 161 10.75 2.98 5.08
CA VAL A 161 9.42 2.82 4.41
C VAL A 161 8.24 2.82 5.40
N ASP A 162 8.43 2.16 6.50
CA ASP A 162 7.45 2.13 7.52
C ASP A 162 7.22 3.53 8.08
N TYR A 163 8.29 4.25 8.44
CA TYR A 163 8.19 5.63 8.90
C TYR A 163 7.48 6.56 7.86
N ALA A 164 8.00 6.49 6.65
CA ALA A 164 7.41 7.18 5.52
C ALA A 164 5.88 6.91 5.42
N THR A 165 5.44 5.67 5.62
CA THR A 165 4.02 5.30 5.50
C THR A 165 3.17 5.92 6.59
N ALA A 166 3.71 5.93 7.80
CA ALA A 166 3.02 6.51 8.91
C ALA A 166 2.95 8.05 8.74
N VAL A 167 4.02 8.64 8.20
CA VAL A 167 4.01 10.04 7.79
C VAL A 167 2.95 10.28 6.67
N GLY A 168 2.88 9.43 5.67
CA GLY A 168 1.82 9.48 4.69
C GLY A 168 0.39 9.39 5.25
N GLN A 169 0.22 8.55 6.26
CA GLN A 169 -1.02 8.40 6.95
C GLN A 169 -1.38 9.75 7.61
N MET A 170 -0.43 10.37 8.29
CA MET A 170 -0.66 11.69 8.87
C MET A 170 -1.11 12.71 7.81
N TYR A 171 -0.39 12.75 6.69
CA TYR A 171 -0.74 13.66 5.60
C TYR A 171 -2.18 13.43 5.14
N ASP A 172 -2.59 12.17 5.09
CA ASP A 172 -3.90 11.76 4.61
C ASP A 172 -5.08 12.15 5.54
N VAL A 173 -4.95 11.89 6.82
CA VAL A 173 -6.03 12.12 7.76
C VAL A 173 -6.12 13.60 8.12
N THR A 174 -5.03 14.35 7.88
CA THR A 174 -5.03 15.82 7.99
C THR A 174 -5.38 16.56 6.64
N SER A 175 -5.66 15.83 5.56
CA SER A 175 -5.75 16.42 4.20
C SER A 175 -6.93 17.39 3.97
N MET A 176 -7.96 17.27 4.79
CA MET A 176 -9.16 18.10 4.79
C MET A 176 -9.14 19.24 5.79
N CYS A 177 -7.99 19.42 6.47
CA CYS A 177 -7.72 20.56 7.35
C CYS A 177 -6.97 21.66 6.65
N ASP A 178 -7.07 22.87 7.20
CA ASP A 178 -6.18 23.95 6.78
C ASP A 178 -4.95 23.82 7.62
N SER A 179 -3.80 23.67 6.98
CA SER A 179 -2.53 23.49 7.69
C SER A 179 -2.29 24.53 8.79
N ASN A 180 -2.50 25.79 8.45
CA ASN A 180 -2.24 26.90 9.36
C ASN A 180 -3.12 26.86 10.61
N LYS A 181 -4.21 26.08 10.60
CA LYS A 181 -5.07 25.83 11.78
C LYS A 181 -4.70 24.60 12.65
N LEU A 182 -3.83 23.69 12.18
CA LEU A 182 -3.45 22.49 12.98
C LEU A 182 -2.96 22.90 14.34
N ASP A 183 -3.45 22.18 15.34
CA ASP A 183 -3.23 22.52 16.73
C ASP A 183 -3.89 21.44 17.58
N PRO A 184 -3.08 20.69 18.34
CA PRO A 184 -3.65 19.73 19.26
C PRO A 184 -4.67 20.29 20.23
N GLU A 185 -4.54 21.57 20.61
CA GLU A 185 -5.50 22.17 21.55
C GLU A 185 -6.86 22.39 20.95
N VAL A 186 -6.98 22.47 19.61
CA VAL A 186 -8.21 23.00 19.04
C VAL A 186 -8.77 22.05 18.02
N ALA A 187 -10.06 21.72 18.15
CA ALA A 187 -10.74 20.81 17.26
C ALA A 187 -10.69 21.39 15.89
N GLN A 188 -10.38 20.51 14.94
CA GLN A 188 -10.00 20.90 13.60
C GLN A 188 -11.25 20.99 12.72
N PRO A 189 -11.56 22.21 12.25
CA PRO A 189 -12.64 22.35 11.26
C PRO A 189 -12.21 21.87 9.90
N MET A 190 -13.14 21.36 9.12
CA MET A 190 -12.92 21.09 7.71
C MET A 190 -12.55 22.39 6.93
N THR A 191 -11.74 22.26 5.89
CA THR A 191 -11.31 23.38 5.07
C THR A 191 -12.55 23.96 4.46
N THR A 192 -12.62 25.29 4.38
CA THR A 192 -13.70 25.93 3.61
C THR A 192 -13.23 26.41 2.25
N ASP A 193 -11.97 26.86 2.13
CA ASP A 193 -11.46 27.33 0.82
C ASP A 193 -10.97 26.21 -0.12
N PHE A 194 -10.67 25.02 0.42
CA PHE A 194 -10.02 23.93 -0.35
C PHE A 194 -8.73 24.37 -1.11
N ALA A 195 -8.01 25.32 -0.56
CA ALA A 195 -6.76 25.84 -1.17
C ALA A 195 -5.65 24.78 -1.24
N GLU A 196 -5.74 23.78 -0.37
CA GLU A 196 -4.76 22.72 -0.28
C GLU A 196 -5.19 21.43 -0.97
N PHE A 197 -6.18 21.50 -1.86
CA PHE A 197 -6.54 20.36 -2.70
C PHE A 197 -5.87 20.67 -4.04
N THR A 198 -4.55 20.50 -4.09
CA THR A 198 -3.77 20.73 -5.30
C THR A 198 -3.05 19.44 -5.76
N PRO A 199 -2.64 19.36 -7.05
CA PRO A 199 -1.79 18.28 -7.51
C PRO A 199 -0.58 18.01 -6.60
N ALA A 200 0.21 19.03 -6.27
CA ALA A 200 1.39 18.82 -5.47
C ALA A 200 1.05 18.27 -4.05
N ILE A 201 -0.09 18.67 -3.50
CA ILE A 201 -0.44 18.25 -2.16
C ILE A 201 -1.01 16.84 -2.15
N TYR A 202 -1.90 16.58 -3.10
CA TYR A 202 -2.30 15.23 -3.43
C TYR A 202 -1.08 14.31 -3.61
N LYS A 203 -0.16 14.69 -4.47
CA LYS A 203 1.03 13.88 -4.73
C LYS A 203 1.83 13.52 -3.48
N ARG A 204 1.92 14.45 -2.55
CA ARG A 204 2.66 14.21 -1.32
C ARG A 204 1.97 13.13 -0.47
N ILE A 205 0.63 13.21 -0.32
CA ILE A 205 -0.12 12.22 0.43
C ILE A 205 0.16 10.86 -0.20
N VAL A 206 -0.04 10.73 -1.50
CA VAL A 206 0.02 9.42 -2.11
C VAL A 206 1.43 8.77 -2.03
N LYS A 207 2.44 9.56 -2.37
CA LYS A 207 3.83 9.13 -2.32
C LYS A 207 4.18 8.54 -0.94
N TYR A 208 3.90 9.25 0.16
CA TYR A 208 4.21 8.73 1.49
C TYR A 208 3.24 7.63 1.94
N LYS A 209 1.94 7.76 1.69
CA LYS A 209 0.98 6.83 2.29
C LYS A 209 1.02 5.45 1.62
N THR A 210 1.29 5.41 0.31
CA THR A 210 1.12 4.21 -0.52
C THR A 210 2.33 3.72 -1.30
N THR A 211 3.01 4.65 -1.98
CA THR A 211 3.94 4.24 -3.06
C THR A 211 5.19 3.58 -2.51
N PHE A 212 5.75 4.12 -1.44
CA PHE A 212 6.92 3.53 -0.83
C PHE A 212 6.69 2.08 -0.39
N TYR A 213 5.60 1.81 0.32
CA TYR A 213 5.27 0.42 0.77
C TYR A 213 4.72 -0.51 -0.31
N THR A 214 4.03 0.03 -1.31
CA THR A 214 3.42 -0.80 -2.33
C THR A 214 4.34 -1.08 -3.51
N TYR A 215 5.18 -0.09 -3.88
CA TYR A 215 6.04 -0.22 -5.08
C TYR A 215 7.50 -0.16 -4.81
N LEU A 216 7.97 0.81 -4.02
CA LEU A 216 9.36 0.90 -3.80
C LEU A 216 9.90 -0.26 -2.99
N LEU A 217 9.26 -0.51 -1.85
CA LEU A 217 9.73 -1.54 -0.93
C LEU A 217 9.85 -2.90 -1.60
N PRO A 218 8.77 -3.38 -2.27
CA PRO A 218 8.91 -4.68 -2.93
C PRO A 218 10.02 -4.73 -4.01
N LEU A 219 10.10 -3.74 -4.89
CA LEU A 219 11.17 -3.75 -5.89
C LEU A 219 12.57 -3.82 -5.24
N VAL A 220 12.85 -2.94 -4.29
CA VAL A 220 14.19 -2.86 -3.72
C VAL A 220 14.49 -4.08 -2.83
N MET A 221 13.50 -4.62 -2.14
CA MET A 221 13.71 -5.90 -1.39
C MET A 221 14.08 -7.04 -2.35
N GLY A 222 13.44 -7.07 -3.51
CA GLY A 222 13.82 -8.01 -4.56
C GLY A 222 15.28 -7.94 -4.92
N LEU A 223 15.74 -6.71 -5.09
CA LEU A 223 17.13 -6.44 -5.33
C LEU A 223 18.04 -6.86 -4.17
N LEU A 224 17.65 -6.60 -2.91
CA LEU A 224 18.54 -6.92 -1.78
C LEU A 224 18.76 -8.43 -1.58
N VAL A 225 17.67 -9.19 -1.56
CA VAL A 225 17.78 -10.64 -1.37
C VAL A 225 18.48 -11.39 -2.54
N SER A 226 18.54 -10.75 -3.69
CA SER A 226 19.25 -11.18 -4.86
C SER A 226 20.68 -10.64 -4.94
N GLU A 227 21.10 -9.81 -3.99
CA GLU A 227 22.39 -9.17 -3.97
C GLU A 227 22.70 -8.45 -5.29
N ALA A 228 21.70 -7.72 -5.77
CA ALA A 228 21.69 -7.11 -7.09
C ALA A 228 21.49 -5.56 -7.08
N ALA A 229 21.63 -4.91 -5.94
CA ALA A 229 21.40 -3.46 -5.88
C ALA A 229 22.29 -2.65 -6.85
N ALA A 230 23.54 -3.06 -7.03
CA ALA A 230 24.46 -2.32 -7.95
C ALA A 230 24.22 -2.56 -9.45
N SER A 231 23.10 -3.18 -9.80
CA SER A 231 22.70 -3.39 -11.18
C SER A 231 21.51 -2.53 -11.58
N VAL A 232 21.19 -1.56 -10.71
CA VAL A 232 20.15 -0.58 -10.96
C VAL A 232 20.62 0.76 -10.48
N GLU A 233 20.04 1.77 -11.05
CA GLU A 233 20.28 3.12 -10.63
C GLU A 233 19.15 3.42 -9.68
N MET A 234 19.48 3.54 -8.42
CA MET A 234 18.48 3.70 -7.40
C MET A 234 17.60 4.96 -7.60
N ASN A 235 18.14 6.05 -8.17
CA ASN A 235 17.28 7.21 -8.41
C ASN A 235 16.18 6.90 -9.44
N LEU A 236 16.51 6.10 -10.45
CA LEU A 236 15.50 5.65 -11.42
C LEU A 236 14.42 4.81 -10.77
N VAL A 237 14.85 3.84 -9.97
CA VAL A 237 13.92 2.94 -9.25
C VAL A 237 12.93 3.74 -8.42
N GLU A 238 13.42 4.74 -7.69
CA GLU A 238 12.56 5.64 -6.92
C GLU A 238 11.54 6.40 -7.78
N ARG A 239 12.01 6.97 -8.88
CA ARG A 239 11.16 7.76 -9.79
C ARG A 239 10.08 6.95 -10.47
N VAL A 240 10.43 5.78 -10.96
CA VAL A 240 9.43 4.90 -11.58
C VAL A 240 8.43 4.36 -10.55
N ALA A 241 8.92 4.12 -9.33
CA ALA A 241 8.05 3.74 -8.23
C ALA A 241 7.01 4.82 -7.90
N HIS A 242 7.46 6.08 -7.79
CA HIS A 242 6.60 7.26 -7.58
C HIS A 242 5.47 7.28 -8.60
N LEU A 243 5.86 7.20 -9.86
CA LEU A 243 4.93 7.27 -10.98
C LEU A 243 3.86 6.18 -10.98
N ILE A 244 4.28 4.96 -10.78
CA ILE A 244 3.34 3.86 -10.82
C ILE A 244 2.43 3.92 -9.57
N GLY A 245 3.07 4.19 -8.45
CA GLY A 245 2.37 4.42 -7.19
C GLY A 245 1.26 5.42 -7.31
N GLU A 246 1.60 6.60 -7.83
CA GLU A 246 0.57 7.64 -8.04
C GLU A 246 -0.56 7.22 -8.97
N TYR A 247 -0.22 6.61 -10.10
CA TYR A 247 -1.24 6.06 -10.99
C TYR A 247 -2.17 5.07 -10.27
N PHE A 248 -1.57 4.14 -9.52
CA PHE A 248 -2.33 3.19 -8.72
C PHE A 248 -3.38 3.93 -7.87
N GLN A 249 -2.96 4.94 -7.10
CA GLN A 249 -3.89 5.64 -6.22
C GLN A 249 -5.01 6.38 -6.94
N VAL A 250 -4.73 6.90 -8.13
CA VAL A 250 -5.70 7.65 -8.90
C VAL A 250 -6.83 6.73 -9.34
N GLN A 251 -6.47 5.54 -9.85
CA GLN A 251 -7.43 4.45 -10.04
C GLN A 251 -8.23 4.10 -8.79
N ASP A 252 -7.56 3.87 -7.67
CA ASP A 252 -8.20 3.65 -6.34
C ASP A 252 -9.07 4.83 -5.82
N ASP A 253 -8.84 6.08 -6.30
CA ASP A 253 -9.69 7.25 -5.99
C ASP A 253 -10.95 7.32 -6.89
N VAL A 254 -10.80 6.95 -8.17
CA VAL A 254 -11.92 6.89 -9.11
C VAL A 254 -12.86 5.71 -8.75
N MET A 255 -12.28 4.62 -8.24
CA MET A 255 -13.06 3.46 -7.78
C MET A 255 -13.89 3.69 -6.49
N ASP A 256 -13.36 4.48 -5.55
CA ASP A 256 -14.08 4.83 -4.30
C ASP A 256 -15.45 5.46 -4.60
N CYS A 257 -15.47 6.34 -5.60
CA CYS A 257 -16.68 7.03 -6.06
C CYS A 257 -17.54 6.14 -6.98
N PHE A 258 -16.98 5.59 -8.07
CA PHE A 258 -17.80 4.98 -9.17
C PHE A 258 -17.96 3.44 -9.26
N THR A 259 -17.15 2.65 -8.53
CA THR A 259 -17.33 1.17 -8.49
C THR A 259 -18.48 0.77 -7.54
N PRO A 260 -19.43 -0.08 -8.03
CA PRO A 260 -20.41 -0.71 -7.13
C PRO A 260 -19.77 -1.19 -5.80
N PRO A 261 -20.38 -0.86 -4.64
CA PRO A 261 -19.85 -1.33 -3.34
C PRO A 261 -19.54 -2.85 -3.26
N GLU A 262 -20.37 -3.67 -3.91
CA GLU A 262 -20.15 -5.12 -4.09
C GLU A 262 -18.83 -5.51 -4.77
N GLN A 263 -18.43 -4.70 -5.77
CA GLN A 263 -17.26 -4.93 -6.64
C GLN A 263 -16.01 -4.21 -6.14
N LEU A 264 -16.19 -3.31 -5.17
CA LEU A 264 -15.08 -2.64 -4.48
C LEU A 264 -14.59 -3.37 -3.21
N GLY A 265 -15.38 -4.32 -2.69
CA GLY A 265 -15.15 -4.92 -1.36
C GLY A 265 -15.33 -3.98 -0.16
N LYS A 266 -16.03 -2.85 -0.36
CA LYS A 266 -16.25 -1.84 0.67
C LYS A 266 -17.23 -0.79 0.13
N VAL A 267 -17.90 -0.10 1.06
CA VAL A 267 -18.80 1.06 0.73
C VAL A 267 -17.88 2.30 0.81
N GLY A 268 -17.73 3.04 -0.31
CA GLY A 268 -16.85 4.22 -0.40
C GLY A 268 -17.33 5.46 0.37
N THR A 269 -16.39 6.13 1.04
CA THR A 269 -16.69 7.31 1.87
C THR A 269 -15.81 8.57 1.62
N ASP A 270 -15.03 8.59 0.52
CA ASP A 270 -14.05 9.69 0.25
C ASP A 270 -14.74 11.06 0.18
N ILE A 271 -15.90 11.07 -0.47
CA ILE A 271 -16.72 12.29 -0.52
C ILE A 271 -17.03 12.73 0.91
N GLU A 272 -17.57 11.81 1.71
CA GLU A 272 -18.09 12.14 3.05
C GLU A 272 -17.01 12.35 4.09
N ASP A 273 -15.87 11.71 3.88
CA ASP A 273 -14.67 11.97 4.71
C ASP A 273 -13.92 13.24 4.27
N ALA A 274 -14.39 13.87 3.18
CA ALA A 274 -13.77 15.07 2.64
C ALA A 274 -12.32 14.76 2.20
N LYS A 275 -12.12 13.59 1.60
CA LYS A 275 -10.77 13.15 1.24
C LYS A 275 -10.24 13.95 0.05
N CYS A 276 -8.94 14.23 0.09
CA CYS A 276 -8.24 14.85 -1.02
C CYS A 276 -8.02 13.76 -2.07
N SER A 277 -9.08 13.44 -2.80
CA SER A 277 -9.01 12.49 -3.89
C SER A 277 -8.63 13.18 -5.18
N TRP A 278 -8.30 12.37 -6.18
CA TRP A 278 -7.85 12.87 -7.45
C TRP A 278 -9.02 13.54 -8.16
N LEU A 279 -10.24 13.02 -7.93
CA LEU A 279 -11.48 13.59 -8.45
C LEU A 279 -11.68 15.02 -7.93
N ALA A 280 -11.67 15.22 -6.62
CA ALA A 280 -11.84 16.59 -6.06
C ALA A 280 -10.76 17.59 -6.51
N VAL A 281 -9.50 17.16 -6.50
CA VAL A 281 -8.40 18.01 -6.95
C VAL A 281 -8.54 18.38 -8.42
N THR A 282 -8.73 17.38 -9.27
CA THR A 282 -8.90 17.55 -10.68
C THR A 282 -10.20 18.33 -10.98
N PHE A 283 -11.33 17.90 -10.40
CA PHE A 283 -12.55 18.71 -10.48
C PHE A 283 -12.35 20.22 -10.12
N LEU A 284 -11.59 20.50 -9.06
CA LEU A 284 -11.31 21.90 -8.70
C LEU A 284 -10.31 22.57 -9.64
N GLY A 285 -9.49 21.78 -10.34
CA GLY A 285 -8.64 22.26 -11.42
C GLY A 285 -9.35 22.74 -12.71
N LYS A 286 -10.65 22.44 -12.87
CA LYS A 286 -11.37 22.86 -14.07
C LYS A 286 -12.79 23.40 -13.86
N ALA A 287 -13.29 23.43 -12.63
CA ALA A 287 -14.58 24.01 -12.31
C ALA A 287 -14.65 25.52 -12.57
N ASN A 288 -15.86 26.00 -12.89
CA ASN A 288 -16.17 27.45 -12.91
C ASN A 288 -16.51 27.86 -11.49
N ALA A 289 -16.71 29.16 -11.24
CA ALA A 289 -17.01 29.68 -9.91
C ALA A 289 -18.21 28.99 -9.26
N ALA A 290 -19.27 28.84 -10.04
CA ALA A 290 -20.53 28.29 -9.54
C ALA A 290 -20.45 26.82 -9.22
N GLN A 291 -19.66 26.09 -9.99
CA GLN A 291 -19.41 24.67 -9.74
C GLN A 291 -18.61 24.40 -8.45
N VAL A 292 -17.60 25.24 -8.22
CA VAL A 292 -16.82 25.30 -6.97
C VAL A 292 -17.69 25.67 -5.74
N ALA A 293 -18.67 26.58 -5.88
CA ALA A 293 -19.53 26.96 -4.74
C ALA A 293 -20.45 25.83 -4.35
N GLU A 294 -20.97 25.11 -5.34
CA GLU A 294 -21.84 23.98 -5.12
C GLU A 294 -21.06 22.83 -4.49
N PHE A 295 -19.88 22.54 -5.03
CA PHE A 295 -18.97 21.53 -4.47
C PHE A 295 -18.76 21.78 -2.96
N LYS A 296 -18.41 23.01 -2.61
CA LYS A 296 -18.14 23.36 -1.23
C LYS A 296 -19.35 23.16 -0.30
N ALA A 297 -20.56 23.47 -0.78
CA ALA A 297 -21.76 23.30 0.05
C ALA A 297 -22.10 21.83 0.30
N ASN A 298 -21.56 20.93 -0.54
CA ASN A 298 -21.95 19.52 -0.55
C ASN A 298 -20.83 18.51 -0.13
N TYR A 299 -19.56 18.96 -0.07
CA TYR A 299 -18.45 18.06 0.19
C TYR A 299 -18.29 17.86 1.71
N GLY A 300 -17.81 16.68 2.06
CA GLY A 300 -17.58 16.30 3.43
C GLY A 300 -18.81 16.19 4.36
N GLU A 301 -19.98 15.93 3.79
CA GLU A 301 -21.22 15.76 4.54
C GLU A 301 -21.71 14.34 4.34
N LYS A 302 -21.96 13.64 5.45
CA LYS A 302 -22.43 12.27 5.39
C LYS A 302 -23.81 12.18 4.70
N ASP A 303 -24.56 13.28 4.73
CA ASP A 303 -25.87 13.35 4.08
C ASP A 303 -25.80 12.90 2.62
N PRO A 304 -26.55 11.83 2.28
CA PRO A 304 -26.56 11.19 0.96
C PRO A 304 -27.05 12.08 -0.18
N ALA A 305 -27.96 12.99 0.13
CA ALA A 305 -28.46 13.92 -0.89
C ALA A 305 -27.31 14.76 -1.44
N LYS A 306 -26.44 15.18 -0.52
CA LYS A 306 -25.27 16.00 -0.85
C LYS A 306 -24.17 15.19 -1.55
N VAL A 307 -24.01 13.92 -1.17
CA VAL A 307 -23.08 13.02 -1.83
C VAL A 307 -23.55 12.70 -3.28
N ALA A 308 -24.87 12.63 -3.51
CA ALA A 308 -25.39 12.57 -4.89
C ALA A 308 -25.00 13.81 -5.71
N VAL A 309 -25.01 14.99 -5.06
CA VAL A 309 -24.64 16.30 -5.68
C VAL A 309 -23.14 16.38 -6.07
N VAL A 310 -22.24 15.93 -5.20
CA VAL A 310 -20.81 15.90 -5.53
C VAL A 310 -20.59 14.94 -6.70
N LYS A 311 -21.28 13.79 -6.68
CA LYS A 311 -21.19 12.78 -7.76
C LYS A 311 -21.69 13.31 -9.07
N ARG A 312 -22.85 13.96 -9.05
CA ARG A 312 -23.42 14.62 -10.23
C ARG A 312 -22.48 15.71 -10.77
N LEU A 313 -21.82 16.45 -9.88
CA LEU A 313 -20.85 17.47 -10.33
C LEU A 313 -19.65 16.81 -11.01
N TYR A 314 -19.15 15.72 -10.42
CA TYR A 314 -18.02 15.00 -10.98
C TYR A 314 -18.41 14.39 -12.35
N SER A 315 -19.59 13.76 -12.41
CA SER A 315 -20.12 13.17 -13.67
C SER A 315 -20.20 14.22 -14.80
N LYS A 316 -20.83 15.36 -14.52
CA LYS A 316 -20.93 16.47 -15.49
C LYS A 316 -19.57 17.10 -15.83
N ALA A 317 -18.57 16.96 -14.95
CA ALA A 317 -17.27 17.63 -15.13
C ALA A 317 -16.36 17.04 -16.22
N ASN A 318 -16.73 15.86 -16.74
CA ASN A 318 -15.94 15.10 -17.71
C ASN A 318 -14.51 14.80 -17.25
N LEU A 319 -14.40 14.20 -16.08
CA LEU A 319 -13.10 13.92 -15.54
C LEU A 319 -12.46 12.75 -16.25
N GLN A 320 -13.25 11.90 -16.93
CA GLN A 320 -12.70 10.79 -17.76
C GLN A 320 -11.66 11.28 -18.76
N ALA A 321 -11.96 12.42 -19.40
CA ALA A 321 -11.02 13.04 -20.31
C ALA A 321 -9.76 13.46 -19.59
N ASP A 322 -9.89 14.04 -18.39
CA ASP A 322 -8.69 14.40 -17.60
C ASP A 322 -7.89 13.13 -17.24
N PHE A 323 -8.60 12.03 -16.96
CA PHE A 323 -8.00 10.74 -16.62
C PHE A 323 -7.24 10.06 -17.77
N ALA A 324 -7.85 9.97 -18.95
CA ALA A 324 -7.14 9.45 -20.11
C ALA A 324 -5.86 10.27 -20.41
N ALA A 325 -5.91 11.58 -20.19
CA ALA A 325 -4.73 12.44 -20.39
C ALA A 325 -3.64 12.20 -19.36
N TYR A 326 -4.03 12.05 -18.08
CA TYR A 326 -3.09 11.68 -17.05
C TYR A 326 -2.56 10.29 -17.41
N GLU A 327 -3.45 9.37 -17.78
CA GLU A 327 -3.07 7.99 -18.11
C GLU A 327 -2.00 7.95 -19.16
N ALA A 328 -2.27 8.69 -20.25
CA ALA A 328 -1.38 8.79 -21.42
C ALA A 328 0.00 9.28 -21.09
N GLU A 329 0.06 10.32 -20.29
CA GLU A 329 1.34 10.91 -19.82
C GLU A 329 2.12 9.89 -18.95
N VAL A 330 1.42 9.19 -18.06
CA VAL A 330 2.04 8.17 -17.22
C VAL A 330 2.53 6.99 -18.09
N VAL A 331 1.76 6.59 -19.11
CA VAL A 331 2.20 5.51 -19.99
C VAL A 331 3.49 5.98 -20.67
N ARG A 332 3.47 7.23 -21.11
CA ARG A 332 4.66 7.90 -21.63
C ARG A 332 5.87 7.79 -20.69
N GLU A 333 5.66 8.25 -19.48
CA GLU A 333 6.75 8.53 -18.57
C GLU A 333 7.34 7.25 -17.98
N VAL A 334 6.48 6.27 -17.73
CA VAL A 334 6.92 4.97 -17.20
C VAL A 334 7.78 4.27 -18.25
N GLU A 335 7.39 4.38 -19.52
CA GLU A 335 8.13 3.73 -20.61
C GLU A 335 9.48 4.38 -20.79
N SER A 336 9.55 5.70 -20.65
CA SER A 336 10.86 6.36 -20.63
C SER A 336 11.71 5.78 -19.52
N LEU A 337 11.14 5.75 -18.29
CA LEU A 337 11.88 5.18 -17.11
C LEU A 337 12.29 3.72 -17.29
N ILE A 338 11.38 2.90 -17.82
CA ILE A 338 11.75 1.53 -18.13
C ILE A 338 12.98 1.50 -19.05
N GLU A 339 12.94 2.31 -20.10
CA GLU A 339 14.03 2.43 -21.04
C GLU A 339 15.35 2.78 -20.37
N GLN A 340 15.34 3.85 -19.58
CA GLN A 340 16.51 4.22 -18.80
C GLN A 340 16.99 3.02 -17.88
N LEU A 341 16.04 2.24 -17.36
CA LEU A 341 16.34 1.08 -16.49
C LEU A 341 17.00 -0.05 -17.24
N LYS A 342 16.74 -0.19 -18.55
CA LYS A 342 17.47 -1.17 -19.40
C LYS A 342 18.98 -0.93 -19.59
N VAL A 343 19.46 0.28 -19.35
CA VAL A 343 20.89 0.63 -19.49
C VAL A 343 21.71 -0.27 -18.57
N LYS A 344 21.32 -0.36 -17.30
CA LYS A 344 21.98 -1.28 -16.37
C LYS A 344 21.34 -2.68 -16.38
N SER A 345 20.13 -2.87 -15.84
CA SER A 345 19.55 -4.23 -15.82
C SER A 345 18.33 -4.38 -16.70
N PRO A 346 18.48 -5.12 -17.82
CA PRO A 346 17.34 -5.52 -18.66
C PRO A 346 16.30 -6.33 -17.91
N THR A 347 16.78 -7.30 -17.17
CA THR A 347 15.98 -8.08 -16.22
C THR A 347 15.14 -7.20 -15.28
N PHE A 348 15.78 -6.28 -14.57
CA PHE A 348 15.07 -5.44 -13.64
C PHE A 348 14.00 -4.65 -14.38
N ALA A 349 14.42 -3.97 -15.43
CA ALA A 349 13.49 -3.18 -16.23
C ALA A 349 12.28 -4.03 -16.67
N GLU A 350 12.50 -5.31 -16.97
CA GLU A 350 11.37 -6.21 -17.30
C GLU A 350 10.46 -6.42 -16.11
N SER A 351 11.07 -6.65 -14.93
CA SER A 351 10.30 -6.78 -13.68
C SER A 351 9.45 -5.53 -13.39
N VAL A 352 10.00 -4.34 -13.67
CA VAL A 352 9.23 -3.07 -13.57
C VAL A 352 8.11 -3.02 -14.60
N ALA A 353 8.41 -3.50 -15.80
CA ALA A 353 7.35 -3.62 -16.82
C ALA A 353 6.21 -4.50 -16.34
N VAL A 354 6.50 -5.57 -15.62
CA VAL A 354 5.42 -6.46 -15.20
C VAL A 354 4.59 -5.79 -14.11
N VAL A 355 5.26 -5.13 -13.17
CA VAL A 355 4.57 -4.34 -12.15
C VAL A 355 3.64 -3.34 -12.81
N TRP A 356 4.17 -2.63 -13.80
CA TRP A 356 3.40 -1.64 -14.55
C TRP A 356 2.15 -2.28 -15.23
N GLU A 357 2.29 -3.40 -15.96
CA GLU A 357 1.10 -4.08 -16.55
C GLU A 357 0.04 -4.42 -15.52
N LYS A 358 0.44 -5.02 -14.40
CA LYS A 358 -0.55 -5.44 -13.38
C LYS A 358 -1.21 -4.29 -12.65
N THR A 359 -0.60 -3.12 -12.67
CA THR A 359 -1.19 -1.92 -12.13
C THR A 359 -2.12 -1.31 -13.18
N HIS A 360 -1.65 -1.32 -14.42
CA HIS A 360 -2.31 -0.64 -15.52
C HIS A 360 -3.61 -1.33 -15.93
N LYS A 361 -3.68 -2.66 -15.86
CA LYS A 361 -4.97 -3.37 -16.03
C LYS A 361 -5.90 -3.22 -14.80
N ARG A 362 -5.90 -4.21 -13.90
CA ARG A 362 -7.00 -4.47 -12.94
C ARG A 362 -8.32 -3.69 -13.19
S SO4 B . -3.46 -6.83 -2.68
O1 SO4 B . -2.28 -7.55 -3.25
O2 SO4 B . -3.43 -6.75 -1.19
O3 SO4 B . -3.44 -5.42 -3.03
O4 SO4 B . -4.64 -7.59 -3.19
S SO4 C . 15.91 -17.30 16.69
O1 SO4 C . 15.72 -16.32 17.77
O2 SO4 C . 14.98 -18.45 16.89
O3 SO4 C . 17.32 -17.74 16.72
O4 SO4 C . 15.66 -16.61 15.40
C ACT D . 11.87 10.47 -17.38
O ACT D . 12.79 9.62 -17.21
OXT ACT D . 12.09 11.66 -17.75
CH3 ACT D . 10.44 10.02 -17.14
ZN ZN E . -7.32 5.84 6.28
ZN ZN F . -9.83 4.44 -1.87
N1 LZV G . 13.52 8.56 1.89
C4 LZV G . 12.99 8.64 -0.42
C5 LZV G . 13.05 9.22 3.18
C6 LZV G . 11.75 9.93 2.82
C7 LZV G . 11.84 10.10 1.34
C8 LZV G . 13.06 7.15 1.53
C10 LZV G . 11.67 5.21 1.81
N LZV G . 13.01 9.41 0.86
C LZV G . 15.86 3.44 -1.55
O LZV G . 14.74 5.46 -0.93
C1 LZV G . 16.04 4.93 -1.28
C11 LZV G . 13.12 4.83 2.03
C12 LZV G . 13.84 6.13 2.35
C2 LZV G . 14.67 6.72 -0.37
C3 LZV G . 13.27 7.15 0.00
C9 LZV G . 11.61 6.75 1.84
O1 LZV G . 15.65 7.43 -0.17
O2 LZV G . 11.09 10.72 0.66
#